data_9H14
#
_entry.id   9H14
#
_cell.length_a   122.600
_cell.length_b   122.600
_cell.length_c   160.530
_cell.angle_alpha   90.000
_cell.angle_beta   90.000
_cell.angle_gamma   120.000
#
_symmetry.space_group_name_H-M   'P 65 2 2'
#
loop_
_entity.id
_entity.type
_entity.pdbx_description
1 polymer Beta-lactamase
2 polymer Beta-lactamase
3 non-polymer (2S,5R)-1-formyl-5-[(sulfooxy)amino]piperidine-2-carboxamide
4 non-polymer (2S,5R)-1-methanoyl-5-(oxidanylamino)piperidine-2-carboxamide
5 non-polymer 'CHLORIDE ION'
6 non-polymer 1,2-ETHANEDIOL
7 non-polymer 'NONAETHYLENE GLYCOL'
8 water water
#
loop_
_entity_poly.entity_id
_entity_poly.type
_entity_poly.pdbx_seq_one_letter_code
_entity_poly.pdbx_strand_id
1 'polypeptide(L)'
;GPKEWQENKSWNAHFTEHKSQGVVVLWNENKQQGFTNNLKRANQAFLPASTF(KCX)IPNSLIALDLGVVKDEHQVFKWD
GQTRDIATWNRDHNLITAMKYSVVPVYQEFARQIGEARMSKMLHAFDYGNEDISGNVDSFWLDGGIRISATEQISFLRKL
YHNKLHVSERSQRIVKQAMLTEANGDYIIRAKTGYDTKIGWWVGWVELDDNVWFFAMNMDMPTSDGLGLRQAITKEVLKQ
EKIIP
;
A
2 'polypeptide(L)'
;GPKEWQENKSWNAHFTEHKSQGVVVLWNENKQQGFTNNLKRANQAFLPASTFKIPNSLIALDLGVVKDEHQVFKWDGQTR
DIATWNRDHNLITAMKYSVVPVYQEFARQIGEARMSKMLHAFDYGNEDISGNVDSFWLDGGIRISATEQISFLRKLYHNK
LHVSERSQRIVKQAMLTEANGDYIIRAKTGYDTKIGWWVGWVELDDNVWFFAMNMDMPTSDGLGLRQAITKEVLKQEKII
P
;
B
#
# COMPACT_ATOMS: atom_id res chain seq x y z
N GLY A 1 13.68 36.39 2.12
CA GLY A 1 13.50 34.98 2.39
C GLY A 1 12.63 34.25 1.38
N PRO A 2 12.81 32.93 1.28
CA PRO A 2 11.98 32.14 0.37
C PRO A 2 10.52 32.14 0.81
N LYS A 3 9.63 31.80 -0.13
CA LYS A 3 8.20 31.84 0.09
C LYS A 3 7.66 30.46 0.45
N GLU A 4 6.82 30.41 1.49
CA GLU A 4 6.19 29.14 1.83
C GLU A 4 5.20 28.72 0.74
N TRP A 5 4.52 29.68 0.13
CA TRP A 5 3.48 29.42 -0.84
C TRP A 5 3.75 30.23 -2.12
N GLN A 6 3.72 29.55 -3.26
CA GLN A 6 3.94 30.20 -4.54
C GLN A 6 2.77 29.90 -5.47
N GLU A 7 2.39 30.91 -6.26
CA GLU A 7 1.32 30.75 -7.24
C GLU A 7 1.92 30.49 -8.62
N ASN A 8 1.38 29.49 -9.31
CA ASN A 8 1.82 29.12 -10.66
C ASN A 8 0.57 29.08 -11.55
N LYS A 9 0.28 30.19 -12.23
CA LYS A 9 -0.94 30.24 -13.03
C LYS A 9 -0.84 29.46 -14.33
N SER A 10 0.35 29.00 -14.73
CA SER A 10 0.43 28.22 -15.96
C SER A 10 -0.37 26.93 -15.87
N TRP A 11 -0.65 26.43 -14.66
CA TRP A 11 -1.47 25.24 -14.51
C TRP A 11 -2.90 25.45 -14.99
N ASN A 12 -3.36 26.70 -15.04
CA ASN A 12 -4.71 26.96 -15.53
C ASN A 12 -4.92 26.40 -16.93
N ALA A 13 -3.84 26.33 -17.73
CA ALA A 13 -3.95 25.75 -19.06
C ALA A 13 -4.54 24.33 -19.03
N HIS A 14 -4.27 23.57 -17.95
CA HIS A 14 -4.77 22.21 -17.89
C HIS A 14 -6.26 22.16 -17.59
N PHE A 15 -6.78 23.17 -16.90
CA PHE A 15 -8.23 23.29 -16.69
C PHE A 15 -8.93 23.84 -17.92
N THR A 16 -8.36 24.90 -18.52
CA THR A 16 -8.99 25.56 -19.68
C THR A 16 -9.08 24.62 -20.87
N GLU A 17 -8.12 23.71 -21.01
CA GLU A 17 -8.16 22.73 -22.09
C GLU A 17 -9.45 21.91 -22.05
N HIS A 18 -10.06 21.78 -20.88
CA HIS A 18 -11.30 21.02 -20.72
C HIS A 18 -12.50 21.91 -20.41
N LYS A 19 -12.40 23.20 -20.71
CA LYS A 19 -13.47 24.15 -20.44
C LYS A 19 -13.92 24.08 -18.99
N SER A 20 -12.95 23.95 -18.09
N SER A 20 -12.97 23.93 -18.07
CA SER A 20 -13.19 23.82 -16.67
CA SER A 20 -13.31 23.91 -16.66
C SER A 20 -12.41 24.89 -15.90
C SER A 20 -12.42 24.88 -15.90
N GLN A 21 -12.65 24.95 -14.60
CA GLN A 21 -11.97 25.85 -13.69
C GLN A 21 -11.78 25.12 -12.37
N GLY A 22 -10.66 25.38 -11.70
CA GLY A 22 -10.43 24.71 -10.43
C GLY A 22 -9.10 25.09 -9.85
N VAL A 23 -8.73 24.38 -8.80
CA VAL A 23 -7.48 24.62 -8.10
C VAL A 23 -6.78 23.29 -7.85
N VAL A 24 -5.47 23.27 -8.07
CA VAL A 24 -4.58 22.22 -7.57
C VAL A 24 -3.65 22.86 -6.55
N VAL A 25 -3.51 22.21 -5.40
CA VAL A 25 -2.58 22.62 -4.35
C VAL A 25 -1.59 21.49 -4.15
N LEU A 26 -0.30 21.80 -4.20
CA LEU A 26 0.74 20.80 -3.97
C LEU A 26 1.57 21.21 -2.76
N TRP A 27 2.02 20.22 -1.99
CA TRP A 27 2.92 20.51 -0.87
C TRP A 27 4.12 19.58 -0.96
N ASN A 28 5.30 20.18 -1.09
CA ASN A 28 6.57 19.45 -1.13
C ASN A 28 7.03 19.25 0.32
N GLU A 29 6.98 18.01 0.81
CA GLU A 29 7.24 17.80 2.23
C GLU A 29 8.69 18.07 2.59
N ASN A 30 9.63 17.65 1.74
CA ASN A 30 11.05 17.89 2.04
C ASN A 30 11.35 19.38 2.10
N LYS A 31 10.82 20.15 1.16
CA LYS A 31 11.14 21.57 1.10
C LYS A 31 10.29 22.40 2.04
N GLN A 32 9.18 21.84 2.52
N GLN A 32 9.17 21.86 2.54
CA GLN A 32 8.17 22.57 3.29
CA GLN A 32 8.20 22.62 3.32
C GLN A 32 7.72 23.81 2.53
C GLN A 32 7.71 23.83 2.54
N GLN A 33 7.33 23.59 1.28
CA GLN A 33 6.86 24.64 0.40
C GLN A 33 5.65 24.16 -0.38
N GLY A 34 4.72 25.06 -0.63
CA GLY A 34 3.48 24.76 -1.33
C GLY A 34 3.35 25.54 -2.62
N PHE A 35 2.53 25.03 -3.55
CA PHE A 35 2.39 25.59 -4.88
C PHE A 35 0.94 25.43 -5.31
N THR A 36 0.39 26.45 -5.95
CA THR A 36 -1.00 26.37 -6.39
C THR A 36 -1.21 27.31 -7.58
N ASN A 37 -2.23 27.01 -8.38
CA ASN A 37 -2.59 27.92 -9.47
C ASN A 37 -3.53 29.03 -9.03
N ASN A 38 -4.05 28.99 -7.80
CA ASN A 38 -5.11 29.93 -7.40
C ASN A 38 -5.07 30.02 -5.87
N LEU A 39 -4.31 31.01 -5.37
CA LEU A 39 -4.14 31.12 -3.92
C LEU A 39 -5.47 31.34 -3.20
N LYS A 40 -6.36 32.15 -3.76
CA LYS A 40 -7.64 32.38 -3.07
C LYS A 40 -8.47 31.10 -2.99
N ARG A 41 -8.66 30.43 -4.13
CA ARG A 41 -9.51 29.24 -4.12
C ARG A 41 -8.88 28.12 -3.30
N ALA A 42 -7.55 28.09 -3.22
CA ALA A 42 -6.87 27.09 -2.39
C ALA A 42 -7.33 27.15 -0.94
N ASN A 43 -7.76 28.33 -0.49
CA ASN A 43 -8.17 28.53 0.89
C ASN A 43 -9.67 28.71 1.07
N GLN A 44 -10.47 28.51 0.02
CA GLN A 44 -11.92 28.58 0.15
C GLN A 44 -12.47 27.22 0.55
N ALA A 45 -13.52 27.23 1.35
CA ALA A 45 -13.99 26.00 1.96
C ALA A 45 -15.21 25.47 1.22
N PHE A 46 -15.21 24.15 0.96
CA PHE A 46 -16.26 23.47 0.23
C PHE A 46 -16.74 22.27 1.03
N LEU A 47 -17.92 21.77 0.69
CA LEU A 47 -18.34 20.47 1.21
C LEU A 47 -17.31 19.40 0.85
N PRO A 48 -16.94 18.53 1.78
CA PRO A 48 -15.92 17.51 1.45
C PRO A 48 -16.46 16.35 0.63
N ALA A 49 -17.76 16.12 0.65
CA ALA A 49 -18.40 14.96 -0.03
C ALA A 49 -17.62 13.69 0.31
N SER A 50 -17.30 12.83 -0.67
CA SER A 50 -16.72 11.53 -0.38
C SER A 50 -15.30 11.59 0.15
N THR A 51 -14.62 12.75 0.10
CA THR A 51 -13.32 12.79 0.78
C THR A 51 -13.51 12.69 2.28
N PHE A 52 -14.73 12.88 2.78
CA PHE A 52 -14.99 12.66 4.20
C PHE A 52 -14.88 11.19 4.58
N LYS A 53 -14.84 10.29 3.60
CA LYS A 53 -14.62 8.88 3.94
C LYS A 53 -13.29 8.63 4.63
N ILE A 54 -12.32 9.53 4.51
CA ILE A 54 -11.05 9.37 5.23
C ILE A 54 -11.27 9.59 6.72
N PRO A 55 -11.72 10.76 7.20
CA PRO A 55 -11.96 10.86 8.65
C PRO A 55 -13.05 9.92 9.15
N ASN A 56 -14.12 9.67 8.37
CA ASN A 56 -15.16 8.73 8.80
C ASN A 56 -14.57 7.35 9.07
N SER A 57 -13.69 6.88 8.18
CA SER A 57 -13.02 5.58 8.38
C SER A 57 -12.17 5.58 9.65
N LEU A 58 -11.40 6.65 9.87
CA LEU A 58 -10.54 6.72 11.05
C LEU A 58 -11.35 6.62 12.32
N ILE A 59 -12.45 7.39 12.39
CA ILE A 59 -13.27 7.40 13.58
C ILE A 59 -13.95 6.05 13.78
N ALA A 60 -14.48 5.44 12.71
CA ALA A 60 -15.14 4.15 12.85
C ALA A 60 -14.18 3.09 13.36
N LEU A 61 -12.95 3.10 12.87
CA LEU A 61 -11.94 2.14 13.32
C LEU A 61 -11.55 2.40 14.77
N ASP A 62 -11.27 3.66 15.10
CA ASP A 62 -10.78 3.97 16.44
C ASP A 62 -11.83 3.65 17.50
N LEU A 63 -13.11 3.79 17.15
CA LEU A 63 -14.19 3.49 18.09
C LEU A 63 -14.61 2.03 18.09
N GLY A 64 -14.13 1.22 17.15
CA GLY A 64 -14.51 -0.17 17.10
C GLY A 64 -15.79 -0.46 16.37
N VAL A 65 -16.39 0.56 15.74
CA VAL A 65 -17.53 0.34 14.85
C VAL A 65 -17.13 -0.58 13.71
N VAL A 66 -15.91 -0.40 13.22
CA VAL A 66 -15.28 -1.28 12.24
C VAL A 66 -14.12 -1.98 12.95
N LYS A 67 -14.13 -3.32 12.96
CA LYS A 67 -13.10 -4.05 13.70
C LYS A 67 -11.76 -4.07 12.97
N ASP A 68 -11.77 -4.27 11.65
CA ASP A 68 -10.55 -4.27 10.84
C ASP A 68 -10.96 -4.18 9.38
N GLU A 69 -9.98 -4.21 8.49
CA GLU A 69 -10.25 -4.00 7.07
C GLU A 69 -10.83 -5.23 6.39
N HIS A 70 -11.04 -6.33 7.13
CA HIS A 70 -11.63 -7.55 6.61
C HIS A 70 -13.10 -7.72 6.96
N GLN A 71 -13.59 -7.00 7.96
CA GLN A 71 -14.99 -7.13 8.37
C GLN A 71 -15.91 -6.85 7.20
N VAL A 72 -16.91 -7.72 7.03
CA VAL A 72 -17.83 -7.62 5.90
C VAL A 72 -19.07 -6.83 6.31
N PHE A 73 -19.42 -5.84 5.49
CA PHE A 73 -20.68 -5.11 5.62
C PHE A 73 -21.60 -5.61 4.51
N LYS A 74 -22.62 -6.37 4.90
CA LYS A 74 -23.48 -7.01 3.91
C LYS A 74 -24.32 -5.99 3.17
N TRP A 75 -24.53 -6.24 1.88
CA TRP A 75 -25.47 -5.45 1.10
C TRP A 75 -26.86 -5.50 1.72
N ASP A 76 -27.52 -4.35 1.81
CA ASP A 76 -28.85 -4.33 2.40
C ASP A 76 -29.95 -4.78 1.44
N GLY A 77 -29.60 -5.23 0.23
CA GLY A 77 -30.58 -5.71 -0.71
C GLY A 77 -31.27 -4.66 -1.55
N GLN A 78 -31.01 -3.38 -1.33
CA GLN A 78 -31.61 -2.32 -2.14
C GLN A 78 -30.74 -2.07 -3.35
N THR A 79 -31.31 -2.24 -4.55
CA THR A 79 -30.55 -2.05 -5.78
C THR A 79 -30.39 -0.57 -6.07
N ARG A 80 -29.14 -0.10 -6.07
CA ARG A 80 -28.83 1.31 -6.31
C ARG A 80 -28.19 1.49 -7.68
N ASP A 81 -28.04 2.77 -8.06
CA ASP A 81 -27.63 3.13 -9.42
C ASP A 81 -26.21 2.69 -9.76
N ILE A 82 -25.31 2.69 -8.78
CA ILE A 82 -23.92 2.32 -9.01
C ILE A 82 -23.81 0.83 -8.76
N ALA A 83 -23.51 0.06 -9.82
CA ALA A 83 -23.60 -1.39 -9.75
C ALA A 83 -22.65 -1.96 -8.70
N THR A 84 -21.45 -1.39 -8.56
CA THR A 84 -20.49 -1.93 -7.60
C THR A 84 -20.95 -1.77 -6.16
N TRP A 85 -22.00 -0.98 -5.90
CA TRP A 85 -22.53 -0.86 -4.55
C TRP A 85 -23.46 -2.02 -4.17
N ASN A 86 -23.94 -2.80 -5.14
CA ASN A 86 -24.99 -3.80 -4.89
C ASN A 86 -24.37 -5.16 -4.57
N ARG A 87 -23.53 -5.17 -3.53
CA ARG A 87 -22.77 -6.34 -3.13
C ARG A 87 -22.21 -6.09 -1.73
N ASP A 88 -21.72 -7.16 -1.12
CA ASP A 88 -21.01 -7.06 0.16
C ASP A 88 -19.69 -6.32 -0.03
N HIS A 89 -19.26 -5.62 1.02
CA HIS A 89 -18.03 -4.86 0.98
C HIS A 89 -17.26 -5.02 2.29
N ASN A 90 -15.97 -4.73 2.23
CA ASN A 90 -15.16 -4.47 3.43
C ASN A 90 -14.64 -3.03 3.34
N LEU A 91 -13.81 -2.64 4.31
CA LEU A 91 -13.33 -1.25 4.33
C LEU A 91 -12.54 -0.92 3.07
N ILE A 92 -11.71 -1.85 2.59
CA ILE A 92 -10.91 -1.60 1.40
C ILE A 92 -11.81 -1.34 0.18
N THR A 93 -12.76 -2.24 -0.07
CA THR A 93 -13.58 -2.06 -1.27
C THR A 93 -14.62 -0.96 -1.09
N ALA A 94 -15.06 -0.71 0.14
CA ALA A 94 -16.00 0.41 0.34
C ALA A 94 -15.33 1.75 0.05
N MET A 95 -14.06 1.89 0.41
N MET A 95 -14.04 1.90 0.38
CA MET A 95 -13.29 3.08 0.03
CA MET A 95 -13.38 3.14 -0.01
C MET A 95 -13.11 3.14 -1.48
C MET A 95 -13.08 3.16 -1.51
N LYS A 96 -12.66 2.03 -2.06
CA LYS A 96 -12.32 1.98 -3.49
C LYS A 96 -13.51 2.38 -4.36
N TYR A 97 -14.68 1.85 -4.05
CA TYR A 97 -15.87 2.11 -4.85
C TYR A 97 -16.73 3.22 -4.25
N SER A 98 -16.27 3.84 -3.17
CA SER A 98 -16.91 4.99 -2.56
C SER A 98 -18.36 4.70 -2.21
N VAL A 99 -18.55 3.65 -1.40
CA VAL A 99 -19.86 3.03 -1.21
C VAL A 99 -20.62 3.81 -0.13
N VAL A 100 -21.49 4.72 -0.59
CA VAL A 100 -22.24 5.61 0.31
C VAL A 100 -22.99 4.86 1.41
N PRO A 101 -23.81 3.84 1.12
CA PRO A 101 -24.64 3.25 2.19
C PRO A 101 -23.83 2.67 3.32
N VAL A 102 -22.65 2.13 3.03
CA VAL A 102 -21.79 1.58 4.08
C VAL A 102 -21.33 2.68 5.02
N TYR A 103 -20.91 3.82 4.48
CA TYR A 103 -20.42 4.91 5.32
C TYR A 103 -21.54 5.65 6.04
N GLN A 104 -22.75 5.63 5.49
CA GLN A 104 -23.87 6.19 6.24
C GLN A 104 -24.14 5.36 7.49
N GLU A 105 -24.02 4.04 7.36
CA GLU A 105 -24.17 3.18 8.53
C GLU A 105 -23.08 3.45 9.56
N PHE A 106 -21.81 3.58 9.14
CA PHE A 106 -20.76 3.95 10.09
C PHE A 106 -21.15 5.21 10.85
N ALA A 107 -21.58 6.24 10.11
CA ALA A 107 -21.88 7.53 10.73
C ALA A 107 -22.99 7.43 11.76
N ARG A 108 -24.03 6.65 11.45
CA ARG A 108 -25.12 6.48 12.42
C ARG A 108 -24.62 5.80 13.69
N GLN A 109 -23.73 4.81 13.55
CA GLN A 109 -23.23 4.12 14.74
C GLN A 109 -22.30 5.00 15.54
N ILE A 110 -21.47 5.80 14.86
CA ILE A 110 -20.64 6.77 15.56
C ILE A 110 -21.50 7.73 16.36
N GLY A 111 -22.51 8.33 15.72
CA GLY A 111 -23.44 9.21 16.39
C GLY A 111 -22.91 10.64 16.45
N GLU A 112 -23.85 11.58 16.71
CA GLU A 112 -23.51 13.00 16.60
C GLU A 112 -22.46 13.43 17.63
N ALA A 113 -22.62 13.01 18.89
CA ALA A 113 -21.71 13.49 19.93
C ALA A 113 -20.27 13.07 19.65
N ARG A 114 -20.05 11.80 19.31
N ARG A 114 -20.06 11.79 19.34
CA ARG A 114 -18.69 11.36 19.08
CA ARG A 114 -18.71 11.30 19.07
C ARG A 114 -18.13 11.85 17.76
C ARG A 114 -18.14 11.93 17.79
N MET A 115 -18.97 12.03 16.74
CA MET A 115 -18.48 12.58 15.48
C MET A 115 -17.99 14.02 15.67
N SER A 116 -18.76 14.82 16.41
CA SER A 116 -18.37 16.20 16.64
C SER A 116 -17.08 16.28 17.45
N LYS A 117 -16.97 15.46 18.51
CA LYS A 117 -15.79 15.49 19.34
C LYS A 117 -14.55 15.08 18.57
N MET A 118 -14.68 14.10 17.67
CA MET A 118 -13.53 13.64 16.90
C MET A 118 -13.10 14.67 15.85
N LEU A 119 -14.04 15.31 15.17
CA LEU A 119 -13.62 16.31 14.19
C LEU A 119 -12.97 17.52 14.85
N HIS A 120 -13.42 17.88 16.06
CA HIS A 120 -12.73 18.91 16.84
C HIS A 120 -11.29 18.47 17.14
N ALA A 121 -11.13 17.22 17.57
CA ALA A 121 -9.79 16.73 17.90
C ALA A 121 -8.90 16.65 16.66
N PHE A 122 -9.49 16.38 15.48
CA PHE A 122 -8.76 16.35 14.21
C PHE A 122 -8.45 17.74 13.66
N ASP A 123 -9.06 18.79 14.21
CA ASP A 123 -8.98 20.13 13.63
C ASP A 123 -9.46 20.11 12.18
N TYR A 124 -10.52 19.36 11.90
CA TYR A 124 -10.90 19.05 10.52
C TYR A 124 -11.83 20.13 9.97
N GLY A 125 -11.33 20.92 9.02
CA GLY A 125 -12.17 21.95 8.40
C GLY A 125 -12.77 22.88 9.43
N ASN A 126 -14.06 23.20 9.27
CA ASN A 126 -14.72 24.08 10.21
C ASN A 126 -15.33 23.32 11.39
N GLU A 127 -15.13 22.00 11.43
CA GLU A 127 -15.47 21.15 12.57
C GLU A 127 -16.97 21.09 12.85
N ASP A 128 -17.80 21.46 11.86
CA ASP A 128 -19.23 21.69 12.06
C ASP A 128 -20.01 20.54 11.43
N ILE A 129 -20.71 19.76 12.25
CA ILE A 129 -21.45 18.60 11.74
C ILE A 129 -22.94 18.90 11.58
N SER A 130 -23.34 20.17 11.59
CA SER A 130 -24.77 20.46 11.54
C SER A 130 -25.40 19.88 10.28
N GLY A 131 -26.62 19.39 10.42
CA GLY A 131 -27.26 18.66 9.35
C GLY A 131 -27.54 17.24 9.80
N ASN A 132 -27.67 16.32 8.85
CA ASN A 132 -28.00 14.94 9.20
C ASN A 132 -26.75 14.17 9.57
N VAL A 133 -26.84 13.34 10.62
CA VAL A 133 -25.65 12.64 11.09
C VAL A 133 -25.05 11.76 10.00
N ASP A 134 -25.88 11.30 9.04
CA ASP A 134 -25.43 10.42 7.98
C ASP A 134 -25.37 11.09 6.61
N SER A 135 -25.40 12.43 6.55
CA SER A 135 -25.19 13.08 5.27
C SER A 135 -24.59 14.48 5.38
N PHE A 136 -24.10 14.90 6.53
CA PHE A 136 -23.72 16.31 6.68
C PHE A 136 -22.53 16.67 5.79
N TRP A 137 -21.69 15.70 5.42
CA TRP A 137 -20.55 15.97 4.54
C TRP A 137 -20.97 16.18 3.08
N LEU A 138 -22.22 15.91 2.74
CA LEU A 138 -22.73 16.12 1.40
C LEU A 138 -23.73 17.26 1.32
N ASP A 139 -24.54 17.49 2.37
CA ASP A 139 -25.55 18.53 2.29
C ASP A 139 -25.77 19.24 3.62
N GLY A 140 -24.80 19.18 4.55
CA GLY A 140 -24.88 19.85 5.83
C GLY A 140 -23.89 20.98 5.97
N GLY A 141 -23.40 21.22 7.19
CA GLY A 141 -22.65 22.44 7.46
C GLY A 141 -21.14 22.32 7.44
N ILE A 142 -20.59 21.12 7.25
CA ILE A 142 -19.14 20.96 7.30
C ILE A 142 -18.51 21.54 6.03
N ARG A 143 -17.37 22.21 6.19
CA ARG A 143 -16.65 22.81 5.08
C ARG A 143 -15.17 22.62 5.31
N ILE A 144 -14.42 22.39 4.23
CA ILE A 144 -12.97 22.28 4.32
C ILE A 144 -12.35 22.83 3.03
N SER A 145 -11.21 23.52 3.16
CA SER A 145 -10.50 24.02 1.99
C SER A 145 -9.42 23.03 1.53
N ALA A 146 -8.89 23.27 0.33
CA ALA A 146 -7.81 22.41 -0.16
C ALA A 146 -6.58 22.48 0.74
N THR A 147 -6.24 23.66 1.25
CA THR A 147 -5.08 23.73 2.14
C THR A 147 -5.36 23.03 3.47
N GLU A 148 -6.60 23.08 3.95
CA GLU A 148 -6.97 22.35 5.16
C GLU A 148 -6.98 20.85 4.93
N GLN A 149 -7.31 20.39 3.72
CA GLN A 149 -7.18 18.98 3.40
C GLN A 149 -5.72 18.55 3.50
N ILE A 150 -4.81 19.35 2.97
CA ILE A 150 -3.38 19.00 3.05
C ILE A 150 -2.93 18.94 4.50
N SER A 151 -3.33 19.93 5.31
N SER A 151 -3.34 19.91 5.33
CA SER A 151 -2.97 19.92 6.73
CA SER A 151 -2.92 19.90 6.73
C SER A 151 -3.39 18.63 7.40
C SER A 151 -3.39 18.64 7.43
N PHE A 152 -4.63 18.21 7.15
CA PHE A 152 -5.14 16.98 7.73
C PHE A 152 -4.38 15.76 7.21
N LEU A 153 -4.15 15.72 5.90
CA LEU A 153 -3.45 14.57 5.31
C LEU A 153 -2.02 14.45 5.82
N ARG A 154 -1.34 15.59 6.04
CA ARG A 154 0.02 15.53 6.61
C ARG A 154 0.01 14.90 7.99
N LYS A 155 -0.96 15.27 8.84
CA LYS A 155 -1.03 14.63 10.16
C LYS A 155 -1.25 13.13 10.01
N LEU A 156 -2.13 12.74 9.07
CA LEU A 156 -2.39 11.32 8.85
C LEU A 156 -1.11 10.59 8.41
N TYR A 157 -0.40 11.17 7.44
CA TYR A 157 0.84 10.56 6.95
C TYR A 157 1.81 10.33 8.09
N HIS A 158 1.91 11.28 9.02
CA HIS A 158 2.87 11.21 10.11
C HIS A 158 2.30 10.55 11.37
N ASN A 159 1.11 9.97 11.30
CA ASN A 159 0.47 9.27 12.43
C ASN A 159 0.27 10.21 13.61
N LYS A 160 -0.01 11.48 13.32
CA LYS A 160 -0.15 12.50 14.34
C LYS A 160 -1.60 12.79 14.71
N LEU A 161 -2.57 12.22 14.01
CA LEU A 161 -3.95 12.43 14.42
C LEU A 161 -4.18 11.75 15.78
N HIS A 162 -5.20 12.22 16.50
N HIS A 162 -5.22 12.20 16.48
CA HIS A 162 -5.31 11.77 17.88
CA HIS A 162 -5.38 11.80 17.86
C HIS A 162 -5.75 10.32 18.01
C HIS A 162 -5.79 10.33 18.01
N VAL A 163 -6.26 9.70 16.95
CA VAL A 163 -6.70 8.31 16.98
C VAL A 163 -5.48 7.40 17.00
N SER A 164 -5.70 6.11 17.19
CA SER A 164 -4.60 5.17 17.34
C SER A 164 -3.76 5.12 16.06
N GLU A 165 -2.46 4.81 16.24
CA GLU A 165 -1.60 4.60 15.07
C GLU A 165 -2.17 3.51 14.18
N ARG A 166 -2.69 2.44 14.78
CA ARG A 166 -3.30 1.36 14.02
C ARG A 166 -4.40 1.86 13.08
N SER A 167 -5.31 2.67 13.61
N SER A 167 -5.31 2.68 13.59
CA SER A 167 -6.38 3.21 12.77
CA SER A 167 -6.39 3.17 12.73
C SER A 167 -5.83 3.99 11.60
C SER A 167 -5.84 4.00 11.58
N GLN A 168 -4.78 4.80 11.84
CA GLN A 168 -4.19 5.59 10.78
C GLN A 168 -3.53 4.70 9.72
N ARG A 169 -2.82 3.65 10.15
CA ARG A 169 -2.21 2.74 9.18
C ARG A 169 -3.25 2.01 8.35
N ILE A 170 -4.36 1.60 8.96
CA ILE A 170 -5.39 0.90 8.21
C ILE A 170 -6.00 1.82 7.15
N VAL A 171 -6.29 3.08 7.52
CA VAL A 171 -6.89 3.98 6.54
C VAL A 171 -5.90 4.31 5.43
N LYS A 172 -4.61 4.48 5.76
CA LYS A 172 -3.64 4.74 4.69
C LYS A 172 -3.54 3.55 3.74
N GLN A 173 -3.67 2.34 4.26
CA GLN A 173 -3.76 1.17 3.39
C GLN A 173 -4.98 1.28 2.48
N ALA A 174 -6.13 1.60 3.04
CA ALA A 174 -7.38 1.68 2.27
C ALA A 174 -7.34 2.78 1.21
N MET A 175 -6.52 3.81 1.38
CA MET A 175 -6.41 4.90 0.43
C MET A 175 -5.55 4.55 -0.79
N LEU A 176 -4.87 3.41 -0.77
CA LEU A 176 -4.00 3.04 -1.87
C LEU A 176 -4.77 3.05 -3.18
N THR A 177 -4.27 3.80 -4.15
CA THR A 177 -4.93 3.97 -5.43
C THR A 177 -4.10 3.44 -6.59
N GLU A 178 -2.80 3.68 -6.58
CA GLU A 178 -1.94 3.29 -7.70
C GLU A 178 -0.52 3.14 -7.17
N ALA A 179 0.22 2.18 -7.72
CA ALA A 179 1.62 2.03 -7.35
C ALA A 179 2.39 1.35 -8.48
N ASN A 180 3.61 1.83 -8.70
CA ASN A 180 4.54 1.22 -9.64
C ASN A 180 5.94 1.55 -9.16
N GLY A 181 6.93 1.25 -9.99
CA GLY A 181 8.32 1.52 -9.62
C GLY A 181 8.67 2.98 -9.52
N ASP A 182 7.79 3.89 -9.97
CA ASP A 182 8.08 5.31 -9.97
C ASP A 182 7.38 6.06 -8.85
N TYR A 183 6.22 5.60 -8.39
CA TYR A 183 5.51 6.37 -7.37
C TYR A 183 4.40 5.51 -6.79
N ILE A 184 3.91 5.95 -5.63
CA ILE A 184 2.73 5.41 -4.95
C ILE A 184 1.76 6.56 -4.72
N ILE A 185 0.49 6.37 -5.08
CA ILE A 185 -0.55 7.37 -4.80
C ILE A 185 -1.53 6.78 -3.79
N ARG A 186 -1.75 7.51 -2.70
CA ARG A 186 -2.81 7.23 -1.74
C ARG A 186 -3.75 8.43 -1.79
N ALA A 187 -5.03 8.19 -2.06
CA ALA A 187 -5.91 9.33 -2.32
C ALA A 187 -7.38 8.93 -2.19
N LYS A 188 -8.24 9.94 -2.25
CA LYS A 188 -9.68 9.73 -2.23
C LYS A 188 -10.36 10.80 -3.09
N THR A 189 -11.30 10.38 -3.93
CA THR A 189 -12.11 11.28 -4.75
C THR A 189 -13.36 11.75 -4.00
N GLY A 190 -13.98 12.80 -4.51
CA GLY A 190 -15.26 13.25 -3.99
C GLY A 190 -16.01 14.05 -5.04
N TYR A 191 -17.34 14.09 -4.89
CA TYR A 191 -18.19 14.83 -5.82
C TYR A 191 -19.47 15.23 -5.10
N ASP A 192 -19.79 16.53 -5.04
CA ASP A 192 -21.00 16.97 -4.34
C ASP A 192 -22.10 17.45 -5.28
N THR A 193 -22.02 17.12 -6.57
CA THR A 193 -22.87 17.50 -7.69
C THR A 193 -22.51 18.88 -8.25
N LYS A 194 -21.60 19.62 -7.63
CA LYS A 194 -21.19 20.92 -8.16
C LYS A 194 -19.69 21.01 -8.26
N ILE A 195 -19.00 20.37 -7.32
CA ILE A 195 -17.56 20.43 -7.17
C ILE A 195 -17.03 19.01 -7.14
N GLY A 196 -15.93 18.74 -7.83
CA GLY A 196 -15.21 17.48 -7.72
C GLY A 196 -13.90 17.66 -6.99
N TRP A 197 -13.54 16.65 -6.18
CA TRP A 197 -12.32 16.66 -5.39
C TRP A 197 -11.41 15.48 -5.75
N TRP A 198 -10.10 15.68 -5.60
CA TRP A 198 -9.16 14.57 -5.43
C TRP A 198 -8.12 15.02 -4.42
N VAL A 199 -7.94 14.27 -3.33
CA VAL A 199 -6.97 14.65 -2.30
C VAL A 199 -6.15 13.43 -1.90
N GLY A 200 -4.88 13.67 -1.56
CA GLY A 200 -4.04 12.55 -1.15
C GLY A 200 -2.58 12.95 -1.22
N TRP A 201 -1.75 11.97 -1.58
CA TRP A 201 -0.32 12.27 -1.72
C TRP A 201 0.35 11.27 -2.66
N VAL A 202 1.52 11.68 -3.16
CA VAL A 202 2.38 10.89 -4.03
C VAL A 202 3.66 10.60 -3.26
N GLU A 203 3.90 9.33 -2.95
CA GLU A 203 5.14 8.93 -2.29
C GLU A 203 6.19 8.62 -3.35
N LEU A 204 7.34 9.29 -3.25
CA LEU A 204 8.52 9.02 -4.06
C LEU A 204 9.58 8.35 -3.18
N ASP A 205 10.68 7.97 -3.80
CA ASP A 205 11.78 7.34 -3.06
C ASP A 205 12.28 8.25 -1.94
N ASP A 206 12.41 9.55 -2.21
CA ASP A 206 13.12 10.46 -1.32
C ASP A 206 12.28 11.65 -0.87
N ASN A 207 10.96 11.63 -1.14
CA ASN A 207 10.11 12.78 -0.86
C ASN A 207 8.66 12.32 -0.92
N VAL A 208 7.76 13.15 -0.39
N VAL A 208 7.79 13.16 -0.38
CA VAL A 208 6.33 12.93 -0.58
CA VAL A 208 6.34 13.01 -0.51
C VAL A 208 5.70 14.27 -0.92
C VAL A 208 5.79 14.34 -1.02
N TRP A 209 4.84 14.26 -1.94
CA TRP A 209 4.10 15.43 -2.40
C TRP A 209 2.64 15.25 -2.02
N PHE A 210 2.14 16.13 -1.15
CA PHE A 210 0.72 16.10 -0.83
C PHE A 210 -0.03 16.90 -1.87
N PHE A 211 -1.26 16.48 -2.18
CA PHE A 211 -2.06 17.27 -3.12
C PHE A 211 -3.51 17.34 -2.69
N ALA A 212 -4.16 18.44 -3.09
CA ALA A 212 -5.59 18.59 -2.90
C ALA A 212 -6.09 19.43 -4.06
N MET A 213 -7.04 18.90 -4.82
CA MET A 213 -7.58 19.61 -5.97
C MET A 213 -9.09 19.62 -5.87
N ASN A 214 -9.70 20.73 -6.26
CA ASN A 214 -11.13 20.72 -6.53
C ASN A 214 -11.40 21.53 -7.78
N MET A 215 -12.54 21.24 -8.40
CA MET A 215 -12.84 21.84 -9.69
C MET A 215 -14.35 21.88 -9.87
N ASP A 216 -14.81 22.87 -10.64
CA ASP A 216 -16.22 22.92 -10.99
C ASP A 216 -16.58 21.71 -11.83
N MET A 217 -17.66 21.03 -11.45
CA MET A 217 -18.01 19.72 -12.00
C MET A 217 -19.51 19.63 -12.14
N PRO A 218 -20.07 20.19 -13.22
CA PRO A 218 -21.53 20.20 -13.37
C PRO A 218 -22.13 18.82 -13.60
N THR A 219 -21.43 17.86 -14.23
CA THR A 219 -21.98 16.51 -14.40
C THR A 219 -20.91 15.47 -14.11
N SER A 220 -21.38 14.25 -13.85
CA SER A 220 -20.49 13.14 -13.58
C SER A 220 -19.74 12.67 -14.82
N ASP A 221 -20.11 13.14 -16.01
CA ASP A 221 -19.41 12.74 -17.24
C ASP A 221 -17.94 13.13 -17.21
N GLY A 222 -17.59 14.19 -16.48
CA GLY A 222 -16.22 14.67 -16.48
C GLY A 222 -15.44 14.25 -15.24
N LEU A 223 -15.93 13.24 -14.52
CA LEU A 223 -15.31 12.90 -13.24
C LEU A 223 -13.86 12.46 -13.39
N GLY A 224 -13.52 11.81 -14.51
CA GLY A 224 -12.13 11.40 -14.71
C GLY A 224 -11.17 12.55 -14.91
N LEU A 225 -11.68 13.76 -15.17
CA LEU A 225 -10.83 14.93 -15.24
C LEU A 225 -10.15 15.22 -13.91
N ARG A 226 -10.76 14.79 -12.78
CA ARG A 226 -10.14 15.04 -11.48
C ARG A 226 -8.74 14.47 -11.42
N GLN A 227 -8.60 13.18 -11.77
CA GLN A 227 -7.28 12.56 -11.79
C GLN A 227 -6.46 13.03 -12.99
N ALA A 228 -7.09 13.18 -14.16
CA ALA A 228 -6.34 13.51 -15.37
C ALA A 228 -5.66 14.88 -15.25
N ILE A 229 -6.39 15.88 -14.76
CA ILE A 229 -5.82 17.23 -14.64
C ILE A 229 -4.75 17.25 -13.57
N THR A 230 -5.01 16.61 -12.41
CA THR A 230 -3.99 16.54 -11.37
C THR A 230 -2.71 15.90 -11.91
N LYS A 231 -2.85 14.81 -12.68
CA LYS A 231 -1.65 14.15 -13.21
C LYS A 231 -0.93 15.03 -14.23
N GLU A 232 -1.66 15.87 -14.97
CA GLU A 232 -0.98 16.79 -15.89
C GLU A 232 -0.11 17.79 -15.13
N VAL A 233 -0.62 18.28 -13.99
CA VAL A 233 0.19 19.15 -13.14
C VAL A 233 1.39 18.39 -12.57
N LEU A 234 1.18 17.16 -12.11
CA LEU A 234 2.30 16.40 -11.54
C LEU A 234 3.36 16.11 -12.59
N LYS A 235 2.94 15.87 -13.84
CA LYS A 235 3.90 15.69 -14.93
C LYS A 235 4.62 16.99 -15.24
N GLN A 236 3.91 18.12 -15.27
CA GLN A 236 4.57 19.39 -15.53
C GLN A 236 5.64 19.69 -14.49
N GLU A 237 5.35 19.37 -13.24
CA GLU A 237 6.30 19.63 -12.16
C GLU A 237 7.34 18.54 -12.02
N LYS A 238 7.33 17.56 -12.94
CA LYS A 238 8.30 16.47 -12.99
C LYS A 238 8.29 15.62 -11.72
N ILE A 239 7.10 15.51 -11.10
CA ILE A 239 6.91 14.64 -9.95
C ILE A 239 6.70 13.20 -10.39
N ILE A 240 5.92 13.00 -11.46
CA ILE A 240 5.74 11.68 -12.07
C ILE A 240 6.17 11.79 -13.52
N PRO A 241 6.56 10.67 -14.16
CA PRO A 241 7.01 10.71 -15.55
C PRO A 241 5.90 11.02 -16.54
N GLY B 1 -12.48 -37.10 -3.52
CA GLY B 1 -12.74 -35.67 -3.38
C GLY B 1 -11.57 -34.81 -3.79
N PRO B 2 -11.76 -33.49 -3.81
CA PRO B 2 -10.69 -32.59 -4.25
C PRO B 2 -9.48 -32.59 -3.33
N LYS B 3 -8.33 -32.29 -3.91
CA LYS B 3 -7.05 -32.30 -3.20
C LYS B 3 -6.64 -30.89 -2.80
N GLU B 4 -5.87 -30.82 -1.71
CA GLU B 4 -5.31 -29.54 -1.26
C GLU B 4 -4.43 -28.92 -2.33
N TRP B 5 -3.61 -29.74 -3.01
CA TRP B 5 -2.70 -29.29 -4.06
C TRP B 5 -2.99 -30.00 -5.37
N GLN B 6 -3.19 -29.23 -6.43
CA GLN B 6 -3.38 -29.75 -7.79
C GLN B 6 -2.21 -29.38 -8.66
N GLU B 7 -1.75 -30.32 -9.48
CA GLU B 7 -0.64 -30.08 -10.40
C GLU B 7 -1.21 -29.67 -11.76
N ASN B 8 -0.70 -28.56 -12.30
CA ASN B 8 -1.11 -28.02 -13.60
C ASN B 8 0.15 -27.87 -14.44
N LYS B 9 0.52 -28.91 -15.17
CA LYS B 9 1.77 -28.88 -15.90
C LYS B 9 1.70 -28.02 -17.17
N SER B 10 0.54 -27.47 -17.52
CA SER B 10 0.50 -26.60 -18.70
C SER B 10 1.25 -25.30 -18.46
N TRP B 11 1.51 -24.94 -17.20
CA TRP B 11 2.31 -23.76 -16.92
C TRP B 11 3.77 -23.93 -17.34
N ASN B 12 4.23 -25.17 -17.54
CA ASN B 12 5.59 -25.39 -17.99
C ASN B 12 5.90 -24.69 -19.30
N ALA B 13 4.88 -24.49 -20.14
CA ALA B 13 5.10 -23.79 -21.40
C ALA B 13 5.63 -22.38 -21.18
N HIS B 14 5.31 -21.76 -20.04
CA HIS B 14 5.80 -20.42 -19.78
C HIS B 14 7.27 -20.42 -19.38
N PHE B 15 7.74 -21.51 -18.75
CA PHE B 15 9.17 -21.67 -18.54
C PHE B 15 9.87 -22.11 -19.83
N THR B 16 9.25 -23.03 -20.57
CA THR B 16 9.84 -23.56 -21.80
C THR B 16 10.08 -22.46 -22.83
N GLU B 17 9.12 -21.54 -22.97
CA GLU B 17 9.24 -20.48 -23.96
C GLU B 17 10.50 -19.64 -23.76
N HIS B 18 11.03 -19.59 -22.53
CA HIS B 18 12.25 -18.84 -22.25
C HIS B 18 13.44 -19.76 -22.00
N LYS B 19 13.35 -21.02 -22.43
CA LYS B 19 14.43 -21.99 -22.27
C LYS B 19 14.87 -22.08 -20.81
N SER B 20 13.90 -22.06 -19.90
CA SER B 20 14.16 -22.03 -18.47
C SER B 20 13.36 -23.12 -17.77
N GLN B 21 13.69 -23.36 -16.50
CA GLN B 21 13.00 -24.35 -15.69
C GLN B 21 12.72 -23.75 -14.32
N GLY B 22 11.58 -24.10 -13.73
CA GLY B 22 11.25 -23.56 -12.42
C GLY B 22 9.90 -24.04 -11.95
N VAL B 23 9.42 -23.42 -10.88
CA VAL B 23 8.13 -23.76 -10.30
C VAL B 23 7.39 -22.48 -9.97
N VAL B 24 6.08 -22.47 -10.22
CA VAL B 24 5.18 -21.46 -9.68
C VAL B 24 4.20 -22.18 -8.77
N VAL B 25 3.98 -21.62 -7.58
CA VAL B 25 3.02 -22.14 -6.62
C VAL B 25 1.98 -21.05 -6.34
N LEU B 26 0.70 -21.38 -6.48
CA LEU B 26 -0.38 -20.44 -6.15
C LEU B 26 -1.24 -21.01 -5.05
N TRP B 27 -1.76 -20.14 -4.19
CA TRP B 27 -2.72 -20.53 -3.16
C TRP B 27 -3.94 -19.62 -3.23
N ASN B 28 -5.09 -20.21 -3.49
CA ASN B 28 -6.37 -19.50 -3.53
C ASN B 28 -6.93 -19.47 -2.11
N GLU B 29 -6.93 -18.28 -1.49
CA GLU B 29 -7.28 -18.21 -0.07
C GLU B 29 -8.76 -18.51 0.17
N ASN B 30 -9.65 -18.03 -0.71
CA ASN B 30 -11.07 -18.30 -0.52
C ASN B 30 -11.37 -19.78 -0.61
N LYS B 31 -10.82 -20.46 -1.62
CA LYS B 31 -11.09 -21.87 -1.81
C LYS B 31 -10.23 -22.78 -0.94
N GLN B 32 -9.19 -22.24 -0.30
CA GLN B 32 -8.25 -23.02 0.48
C GLN B 32 -7.71 -24.20 -0.35
N GLN B 33 -7.16 -23.84 -1.50
CA GLN B 33 -6.64 -24.83 -2.43
C GLN B 33 -5.45 -24.25 -3.16
N GLY B 34 -4.46 -25.11 -3.45
CA GLY B 34 -3.26 -24.66 -4.12
C GLY B 34 -3.02 -25.31 -5.47
N PHE B 35 -2.13 -24.71 -6.26
CA PHE B 35 -1.90 -25.13 -7.65
C PHE B 35 -0.43 -24.94 -7.98
N THR B 36 0.16 -25.91 -8.69
CA THR B 36 1.56 -25.79 -9.06
C THR B 36 1.84 -26.61 -10.31
N ASN B 37 2.87 -26.22 -11.05
CA ASN B 37 3.33 -27.00 -12.21
C ASN B 37 4.28 -28.12 -11.82
N ASN B 38 4.76 -28.14 -10.58
CA ASN B 38 5.79 -29.13 -10.20
C ASN B 38 5.72 -29.30 -8.68
N LEU B 39 4.96 -30.31 -8.24
CA LEU B 39 4.75 -30.49 -6.81
C LEU B 39 6.04 -30.82 -6.07
N LYS B 40 6.94 -31.57 -6.71
CA LYS B 40 8.21 -31.89 -6.08
C LYS B 40 9.06 -30.64 -5.87
N ARG B 41 9.22 -29.82 -6.91
CA ARG B 41 10.03 -28.62 -6.78
C ARG B 41 9.38 -27.60 -5.87
N ALA B 42 8.04 -27.60 -5.80
CA ALA B 42 7.34 -26.71 -4.89
C ALA B 42 7.73 -26.98 -3.44
N ASN B 43 8.17 -28.20 -3.14
CA ASN B 43 8.56 -28.55 -1.79
C ASN B 43 10.06 -28.66 -1.61
N GLN B 44 10.84 -28.28 -2.63
CA GLN B 44 12.30 -28.30 -2.54
C GLN B 44 12.79 -27.04 -1.85
N ALA B 45 13.64 -27.19 -0.83
CA ALA B 45 14.04 -26.03 -0.05
C ALA B 45 15.35 -25.44 -0.58
N PHE B 46 15.37 -24.13 -0.77
CA PHE B 46 16.51 -23.38 -1.31
C PHE B 46 16.92 -22.28 -0.34
N LEU B 47 18.13 -21.74 -0.54
CA LEU B 47 18.46 -20.48 0.12
C LEU B 47 17.41 -19.42 -0.20
N PRO B 48 16.95 -18.63 0.79
CA PRO B 48 15.95 -17.60 0.49
C PRO B 48 16.51 -16.37 -0.20
N ALA B 49 17.82 -16.10 -0.05
CA ALA B 49 18.45 -14.91 -0.64
C ALA B 49 17.63 -13.69 -0.19
N SER B 50 17.31 -12.75 -1.08
CA SER B 50 16.73 -11.48 -0.65
C SER B 50 15.27 -11.59 -0.20
N THR B 51 14.61 -12.73 -0.42
CA THR B 51 13.29 -12.90 0.18
C THR B 51 13.37 -12.94 1.69
N PHE B 52 14.56 -13.19 2.25
CA PHE B 52 14.72 -13.11 3.69
C PHE B 52 14.56 -11.69 4.22
N LYS B 53 14.58 -10.69 3.35
CA LYS B 53 14.33 -9.35 3.86
C LYS B 53 12.95 -9.21 4.50
N ILE B 54 11.99 -10.08 4.16
CA ILE B 54 10.68 -10.01 4.81
C ILE B 54 10.80 -10.39 6.29
N PRO B 55 11.23 -11.60 6.67
CA PRO B 55 11.37 -11.86 8.11
C PRO B 55 12.38 -10.97 8.81
N ASN B 56 13.48 -10.61 8.14
CA ASN B 56 14.48 -9.73 8.74
C ASN B 56 13.85 -8.39 9.14
N SER B 57 13.06 -7.81 8.23
CA SER B 57 12.34 -6.56 8.53
C SER B 57 11.44 -6.70 9.74
N LEU B 58 10.66 -7.79 9.80
CA LEU B 58 9.72 -8.01 10.90
C LEU B 58 10.43 -8.04 12.24
N ILE B 59 11.54 -8.79 12.31
CA ILE B 59 12.28 -8.91 13.55
C ILE B 59 12.91 -7.57 13.92
N ALA B 60 13.50 -6.88 12.94
CA ALA B 60 14.13 -5.59 13.24
C ALA B 60 13.12 -4.59 13.79
N LEU B 61 11.92 -4.55 13.22
CA LEU B 61 10.88 -3.65 13.73
C LEU B 61 10.43 -4.05 15.12
N ASP B 62 10.18 -5.35 15.34
CA ASP B 62 9.63 -5.75 16.63
C ASP B 62 10.61 -5.50 17.77
N LEU B 63 11.91 -5.58 17.49
CA LEU B 63 12.93 -5.32 18.50
C LEU B 63 13.32 -3.85 18.60
N GLY B 64 12.81 -2.99 17.71
CA GLY B 64 13.20 -1.60 17.75
C GLY B 64 14.52 -1.27 17.10
N VAL B 65 15.13 -2.25 16.42
CA VAL B 65 16.31 -1.98 15.59
C VAL B 65 15.96 -0.99 14.49
N VAL B 66 14.76 -1.13 13.92
CA VAL B 66 14.16 -0.14 13.03
C VAL B 66 13.00 0.47 13.78
N LYS B 67 13.01 1.80 13.94
CA LYS B 67 11.97 2.47 14.73
C LYS B 67 10.67 2.58 13.94
N ASP B 68 10.75 2.91 12.66
CA ASP B 68 9.58 3.00 11.79
C ASP B 68 10.08 3.02 10.35
N GLU B 69 9.14 3.09 9.41
CA GLU B 69 9.51 2.98 8.00
C GLU B 69 10.09 4.27 7.43
N HIS B 70 10.17 5.33 8.24
CA HIS B 70 10.75 6.60 7.81
C HIS B 70 12.19 6.80 8.28
N GLN B 71 12.63 6.04 9.28
CA GLN B 71 13.99 6.19 9.80
C GLN B 71 15.00 6.02 8.67
N VAL B 72 15.95 6.93 8.59
CA VAL B 72 16.96 6.93 7.53
C VAL B 72 18.18 6.16 8.00
N PHE B 73 18.65 5.23 7.18
CA PHE B 73 19.90 4.52 7.42
C PHE B 73 20.94 5.03 6.43
N LYS B 74 21.92 5.80 6.94
CA LYS B 74 22.89 6.46 6.08
C LYS B 74 23.76 5.46 5.34
N TRP B 75 24.08 5.80 4.08
CA TRP B 75 25.09 5.09 3.32
C TRP B 75 26.39 5.05 4.10
N ASP B 76 27.02 3.87 4.17
CA ASP B 76 28.29 3.76 4.89
C ASP B 76 29.47 4.29 4.08
N GLY B 77 29.26 4.79 2.87
CA GLY B 77 30.32 5.40 2.10
C GLY B 77 31.11 4.47 1.21
N GLN B 78 30.88 3.16 1.28
CA GLN B 78 31.58 2.21 0.43
C GLN B 78 30.82 2.08 -0.89
N THR B 79 31.50 2.32 -2.00
CA THR B 79 30.85 2.24 -3.31
C THR B 79 30.70 0.78 -3.72
N ARG B 80 29.47 0.33 -3.90
CA ARG B 80 29.19 -1.04 -4.31
C ARG B 80 28.67 -1.04 -5.75
N ASP B 81 28.52 -2.25 -6.31
CA ASP B 81 28.30 -2.38 -7.74
C ASP B 81 26.90 -1.95 -8.17
N ILE B 82 25.91 -2.07 -7.29
CA ILE B 82 24.54 -1.67 -7.61
C ILE B 82 24.38 -0.23 -7.16
N ALA B 83 24.23 0.69 -8.13
CA ALA B 83 24.36 2.11 -7.82
C ALA B 83 23.27 2.61 -6.89
N THR B 84 22.07 2.01 -6.93
CA THR B 84 21.02 2.43 -6.02
C THR B 84 21.34 2.13 -4.56
N TRP B 85 22.36 1.31 -4.29
CA TRP B 85 22.74 1.04 -2.91
C TRP B 85 23.61 2.13 -2.31
N ASN B 86 24.20 2.98 -3.14
CA ASN B 86 25.19 3.96 -2.67
C ASN B 86 24.54 5.27 -2.27
N ARG B 87 23.55 5.20 -1.38
CA ARG B 87 22.79 6.36 -0.96
C ARG B 87 22.07 6.03 0.34
N ASP B 88 21.49 7.05 0.97
CA ASP B 88 20.69 6.84 2.17
C ASP B 88 19.38 6.14 1.82
N HIS B 89 18.89 5.32 2.76
CA HIS B 89 17.68 4.54 2.55
C HIS B 89 16.84 4.53 3.82
N ASN B 90 15.53 4.37 3.65
CA ASN B 90 14.64 3.96 4.72
C ASN B 90 14.16 2.54 4.47
N LEU B 91 13.29 2.02 5.33
CA LEU B 91 12.86 0.63 5.18
C LEU B 91 12.16 0.41 3.84
N ILE B 92 11.38 1.39 3.38
CA ILE B 92 10.64 1.24 2.13
C ILE B 92 11.61 1.11 0.96
N THR B 93 12.56 2.04 0.84
CA THR B 93 13.46 1.97 -0.30
C THR B 93 14.51 0.88 -0.13
N ALA B 94 14.86 0.52 1.12
CA ALA B 94 15.81 -0.58 1.28
C ALA B 94 15.21 -1.88 0.80
N MET B 95 13.91 -2.09 1.04
N MET B 95 13.90 -2.10 1.01
CA MET B 95 13.20 -3.23 0.49
CA MET B 95 13.28 -3.30 0.45
C MET B 95 13.12 -3.15 -1.03
C MET B 95 13.09 -3.17 -1.06
N LYS B 96 12.65 -1.99 -1.53
CA LYS B 96 12.43 -1.80 -2.97
C LYS B 96 13.67 -2.09 -3.81
N TYR B 97 14.83 -1.58 -3.38
CA TYR B 97 16.08 -1.76 -4.09
C TYR B 97 16.91 -2.88 -3.53
N SER B 98 16.38 -3.62 -2.56
CA SER B 98 17.01 -4.87 -2.07
C SER B 98 18.43 -4.58 -1.57
N VAL B 99 18.54 -3.59 -0.69
CA VAL B 99 19.84 -3.03 -0.30
C VAL B 99 20.48 -3.92 0.76
N VAL B 100 21.31 -4.86 0.31
CA VAL B 100 21.92 -5.84 1.23
C VAL B 100 22.67 -5.20 2.41
N PRO B 101 23.51 -4.18 2.23
CA PRO B 101 24.27 -3.67 3.39
C PRO B 101 23.39 -3.16 4.51
N VAL B 102 22.26 -2.54 4.19
CA VAL B 102 21.34 -2.08 5.21
C VAL B 102 20.82 -3.27 6.02
N TYR B 103 20.44 -4.34 5.32
CA TYR B 103 19.88 -5.49 6.01
C TYR B 103 20.95 -6.29 6.75
N GLN B 104 22.19 -6.25 6.27
CA GLN B 104 23.27 -6.87 7.02
C GLN B 104 23.46 -6.18 8.37
N GLU B 105 23.33 -4.86 8.40
CA GLU B 105 23.45 -4.13 9.66
C GLU B 105 22.26 -4.43 10.57
N PHE B 106 21.04 -4.52 10.03
CA PHE B 106 19.90 -4.95 10.85
C PHE B 106 20.22 -6.28 11.53
N ALA B 107 20.73 -7.23 10.74
CA ALA B 107 20.96 -8.58 11.25
C ALA B 107 22.00 -8.59 12.36
N ARG B 108 23.08 -7.81 12.21
CA ARG B 108 24.08 -7.75 13.27
C ARG B 108 23.49 -7.17 14.55
N GLN B 109 22.63 -6.15 14.43
CA GLN B 109 22.01 -5.56 15.61
C GLN B 109 21.03 -6.52 16.26
N ILE B 110 20.28 -7.27 15.46
CA ILE B 110 19.40 -8.30 15.99
C ILE B 110 20.22 -9.33 16.77
N GLY B 111 21.28 -9.84 16.15
CA GLY B 111 22.16 -10.79 16.80
C GLY B 111 21.65 -12.22 16.67
N GLU B 112 22.59 -13.16 16.80
CA GLU B 112 22.28 -14.54 16.47
C GLU B 112 21.25 -15.14 17.42
N ALA B 113 21.33 -14.79 18.71
CA ALA B 113 20.43 -15.41 19.69
C ALA B 113 18.98 -15.03 19.40
N ARG B 114 18.73 -13.74 19.20
CA ARG B 114 17.36 -13.32 18.90
C ARG B 114 16.93 -13.74 17.51
N MET B 115 17.85 -13.78 16.55
CA MET B 115 17.47 -14.18 15.20
C MET B 115 16.98 -15.63 15.18
N SER B 116 17.73 -16.52 15.83
N SER B 116 17.72 -16.53 15.85
CA SER B 116 17.36 -17.93 15.87
CA SER B 116 17.33 -17.94 15.82
C SER B 116 16.03 -18.11 16.58
C SER B 116 16.04 -18.17 16.61
N LYS B 117 15.85 -17.44 17.71
CA LYS B 117 14.61 -17.56 18.48
C LYS B 117 13.41 -17.11 17.64
N MET B 118 13.56 -16.01 16.90
N MET B 118 13.56 -15.99 16.91
CA MET B 118 12.42 -15.49 16.14
CA MET B 118 12.44 -15.47 16.14
C MET B 118 12.11 -16.35 14.93
C MET B 118 12.11 -16.37 14.95
N LEU B 119 13.12 -16.92 14.26
CA LEU B 119 12.84 -17.78 13.13
C LEU B 119 12.16 -19.08 13.59
N HIS B 120 12.49 -19.57 14.78
CA HIS B 120 11.75 -20.68 15.33
C HIS B 120 10.31 -20.31 15.60
N ALA B 121 10.10 -19.12 16.18
CA ALA B 121 8.73 -18.66 16.43
C ALA B 121 7.94 -18.51 15.14
N PHE B 122 8.61 -18.09 14.05
CA PHE B 122 7.99 -17.95 12.74
C PHE B 122 7.77 -19.27 12.01
N ASP B 123 8.34 -20.37 12.51
CA ASP B 123 8.28 -21.65 11.80
C ASP B 123 8.92 -21.54 10.41
N TYR B 124 9.98 -20.74 10.29
CA TYR B 124 10.47 -20.28 8.99
C TYR B 124 11.46 -21.28 8.40
N GLY B 125 11.06 -21.97 7.34
CA GLY B 125 11.99 -22.89 6.67
C GLY B 125 12.61 -23.90 7.63
N ASN B 126 13.91 -24.17 7.48
CA ASN B 126 14.55 -25.11 8.40
C ASN B 126 15.10 -24.43 9.66
N GLU B 127 14.87 -23.12 9.80
CA GLU B 127 15.16 -22.36 11.02
C GLU B 127 16.65 -22.32 11.36
N ASP B 128 17.52 -22.60 10.39
CA ASP B 128 18.95 -22.82 10.63
C ASP B 128 19.75 -21.57 10.25
N ILE B 129 20.32 -20.89 11.24
CA ILE B 129 21.08 -19.67 10.96
C ILE B 129 22.59 -19.92 10.98
N SER B 130 23.02 -21.17 10.79
CA SER B 130 24.45 -21.46 10.80
C SER B 130 25.15 -20.66 9.71
N GLY B 131 26.36 -20.26 10.01
CA GLY B 131 27.07 -19.25 9.25
C GLY B 131 27.16 -17.95 10.02
N ASN B 132 27.33 -16.87 9.29
CA ASN B 132 27.37 -15.55 9.90
C ASN B 132 25.95 -15.01 10.01
N VAL B 133 25.66 -14.32 11.13
CA VAL B 133 24.32 -13.78 11.31
C VAL B 133 24.00 -12.75 10.24
N ASP B 134 24.99 -12.17 9.59
CA ASP B 134 24.74 -11.17 8.56
C ASP B 134 24.91 -11.71 7.13
N SER B 135 24.95 -13.04 6.96
CA SER B 135 24.96 -13.56 5.60
C SER B 135 24.35 -14.95 5.46
N PHE B 136 23.73 -15.52 6.50
CA PHE B 136 23.35 -16.93 6.41
C PHE B 136 22.27 -17.17 5.35
N TRP B 137 21.49 -16.15 5.02
CA TRP B 137 20.45 -16.27 4.00
C TRP B 137 21.00 -16.20 2.59
N LEU B 138 22.28 -15.83 2.45
CA LEU B 138 22.98 -15.80 1.17
C LEU B 138 23.98 -16.92 1.00
N ASP B 139 24.66 -17.35 2.08
CA ASP B 139 25.66 -18.40 1.91
C ASP B 139 25.76 -19.31 3.12
N GLY B 140 24.72 -19.38 3.96
CA GLY B 140 24.72 -20.22 5.12
C GLY B 140 23.76 -21.39 5.00
N GLY B 141 23.20 -21.81 6.13
CA GLY B 141 22.47 -23.06 6.18
C GLY B 141 20.97 -22.98 6.08
N ILE B 142 20.39 -21.78 6.05
CA ILE B 142 18.93 -21.66 6.04
C ILE B 142 18.38 -22.09 4.67
N ARG B 143 17.27 -22.81 4.69
CA ARG B 143 16.63 -23.30 3.48
C ARG B 143 15.13 -23.20 3.64
N ILE B 144 14.43 -22.80 2.58
CA ILE B 144 12.98 -22.70 2.63
C ILE B 144 12.43 -23.07 1.26
N SER B 145 11.31 -23.80 1.26
CA SER B 145 10.68 -24.19 0.01
C SER B 145 9.60 -23.19 -0.39
N ALA B 146 9.10 -23.33 -1.62
CA ALA B 146 8.05 -22.42 -2.08
C ALA B 146 6.77 -22.59 -1.27
N THR B 147 6.40 -23.83 -0.92
CA THR B 147 5.21 -24.00 -0.09
C THR B 147 5.42 -23.47 1.32
N GLU B 148 6.66 -23.55 1.83
CA GLU B 148 6.94 -22.94 3.12
C GLU B 148 6.89 -21.42 3.06
N GLN B 149 7.30 -20.84 1.93
CA GLN B 149 7.12 -19.40 1.73
C GLN B 149 5.65 -19.01 1.78
N ILE B 150 4.80 -19.79 1.09
CA ILE B 150 3.36 -19.52 1.14
C ILE B 150 2.85 -19.57 2.58
N SER B 151 3.24 -20.62 3.33
N SER B 151 3.25 -20.60 3.34
CA SER B 151 2.79 -20.75 4.71
CA SER B 151 2.77 -20.74 4.71
C SER B 151 3.17 -19.54 5.54
C SER B 151 3.18 -19.55 5.57
N PHE B 152 4.42 -19.08 5.38
CA PHE B 152 4.88 -17.90 6.10
C PHE B 152 4.10 -16.65 5.69
N LEU B 153 3.91 -16.48 4.38
CA LEU B 153 3.21 -15.31 3.87
C LEU B 153 1.75 -15.28 4.32
N ARG B 154 1.09 -16.45 4.37
CA ARG B 154 -0.29 -16.49 4.85
C ARG B 154 -0.38 -16.02 6.31
N LYS B 155 0.56 -16.44 7.15
CA LYS B 155 0.55 -15.94 8.54
C LYS B 155 0.74 -14.44 8.57
N LEU B 156 1.66 -13.91 7.78
CA LEU B 156 1.89 -12.46 7.72
C LEU B 156 0.63 -11.72 7.27
N TYR B 157 -0.02 -12.22 6.20
CA TYR B 157 -1.23 -11.58 5.71
C TYR B 157 -2.29 -11.48 6.81
N HIS B 158 -2.43 -12.52 7.62
CA HIS B 158 -3.45 -12.59 8.66
C HIS B 158 -2.98 -12.04 10.00
N ASN B 159 -1.80 -11.41 10.06
CA ASN B 159 -1.24 -10.88 11.31
C ASN B 159 -1.08 -11.97 12.37
N LYS B 160 -0.75 -13.19 11.96
CA LYS B 160 -0.65 -14.32 12.88
C LYS B 160 0.77 -14.67 13.26
N LEU B 161 1.77 -13.97 12.75
CA LEU B 161 3.13 -14.22 13.19
C LEU B 161 3.32 -13.73 14.62
N HIS B 162 4.28 -14.32 15.33
N HIS B 162 4.30 -14.32 15.30
CA HIS B 162 4.50 -13.99 16.73
CA HIS B 162 4.58 -14.02 16.70
C HIS B 162 5.38 -12.73 16.85
C HIS B 162 5.39 -12.73 16.83
N VAL B 163 4.89 -11.65 16.24
CA VAL B 163 5.42 -10.29 16.42
C VAL B 163 4.21 -9.38 16.48
N SER B 164 4.44 -8.10 16.77
CA SER B 164 3.29 -7.21 16.92
C SER B 164 2.52 -7.06 15.62
N GLU B 165 1.24 -6.74 15.75
CA GLU B 165 0.46 -6.36 14.58
C GLU B 165 1.10 -5.20 13.84
N ARG B 166 1.63 -4.22 14.59
CA ARG B 166 2.27 -3.07 13.96
C ARG B 166 3.42 -3.48 13.05
N SER B 167 4.33 -4.33 13.55
CA SER B 167 5.44 -4.78 12.71
C SER B 167 4.95 -5.43 11.43
N GLN B 168 3.90 -6.24 11.54
CA GLN B 168 3.39 -6.93 10.36
C GLN B 168 2.76 -5.95 9.36
N ARG B 169 2.01 -4.96 9.85
CA ARG B 169 1.44 -3.95 8.96
C ARG B 169 2.53 -3.13 8.26
N ILE B 170 3.61 -2.79 8.96
CA ILE B 170 4.66 -1.99 8.31
C ILE B 170 5.36 -2.79 7.22
N VAL B 171 5.65 -4.06 7.49
CA VAL B 171 6.34 -4.88 6.49
C VAL B 171 5.44 -5.09 5.29
N LYS B 172 4.13 -5.30 5.50
CA LYS B 172 3.24 -5.45 4.35
C LYS B 172 3.19 -4.18 3.52
N GLN B 173 3.26 -3.01 4.16
CA GLN B 173 3.38 -1.77 3.42
C GLN B 173 4.65 -1.76 2.58
N ALA B 174 5.77 -2.13 3.19
CA ALA B 174 7.06 -2.12 2.51
C ALA B 174 7.12 -3.12 1.35
N MET B 175 6.32 -4.19 1.38
CA MET B 175 6.30 -5.15 0.29
C MET B 175 5.53 -4.65 -0.93
N LEU B 176 4.82 -3.53 -0.81
CA LEU B 176 4.02 -3.05 -1.95
C LEU B 176 4.89 -2.90 -3.20
N THR B 177 4.46 -3.55 -4.29
CA THR B 177 5.18 -3.55 -5.55
C THR B 177 4.41 -2.90 -6.69
N GLU B 178 3.11 -3.17 -6.81
CA GLU B 178 2.33 -2.68 -7.93
C GLU B 178 0.88 -2.61 -7.49
N ALA B 179 0.18 -1.56 -7.91
CA ALA B 179 -1.25 -1.48 -7.59
C ALA B 179 -1.96 -0.69 -8.66
N ASN B 180 -3.17 -1.15 -9.01
CA ASN B 180 -4.06 -0.40 -9.89
C ASN B 180 -5.49 -0.80 -9.54
N GLY B 181 -6.44 -0.37 -10.36
CA GLY B 181 -7.83 -0.69 -10.10
C GLY B 181 -8.19 -2.16 -10.21
N ASP B 182 -7.31 -2.98 -10.76
CA ASP B 182 -7.59 -4.42 -10.90
C ASP B 182 -6.95 -5.27 -9.81
N TYR B 183 -5.80 -4.87 -9.28
CA TYR B 183 -5.13 -5.73 -8.31
C TYR B 183 -4.07 -4.96 -7.55
N ILE B 184 -3.64 -5.55 -6.45
CA ILE B 184 -2.51 -5.08 -5.66
C ILE B 184 -1.53 -6.24 -5.50
N ILE B 185 -0.25 -5.99 -5.78
CA ILE B 185 0.78 -7.01 -5.56
C ILE B 185 1.72 -6.55 -4.44
N ARG B 186 1.86 -7.40 -3.42
CA ARG B 186 2.87 -7.23 -2.37
C ARG B 186 3.82 -8.40 -2.48
N ALA B 187 5.12 -8.14 -2.61
CA ALA B 187 6.02 -9.25 -2.96
C ALA B 187 7.48 -8.85 -2.75
N LYS B 188 8.37 -9.84 -2.88
CA LYS B 188 9.81 -9.62 -2.74
C LYS B 188 10.56 -10.58 -3.65
N THR B 189 11.55 -10.05 -4.37
CA THR B 189 12.43 -10.82 -5.24
C THR B 189 13.63 -11.37 -4.48
N GLY B 190 14.28 -12.37 -5.06
CA GLY B 190 15.55 -12.85 -4.56
C GLY B 190 16.35 -13.52 -5.65
N TYR B 191 17.67 -13.56 -5.45
CA TYR B 191 18.57 -14.17 -6.43
C TYR B 191 19.85 -14.60 -5.72
N ASP B 192 20.27 -15.86 -5.88
CA ASP B 192 21.45 -16.36 -5.18
C ASP B 192 22.56 -16.81 -6.13
N THR B 193 22.58 -16.28 -7.36
CA THR B 193 23.52 -16.62 -8.44
C THR B 193 23.19 -17.96 -9.10
N LYS B 194 22.35 -18.78 -8.48
CA LYS B 194 21.89 -20.01 -9.12
C LYS B 194 20.38 -20.07 -9.33
N ILE B 195 19.60 -19.50 -8.41
CA ILE B 195 18.14 -19.58 -8.38
C ILE B 195 17.61 -18.16 -8.23
N GLY B 196 16.51 -17.85 -8.92
CA GLY B 196 15.79 -16.60 -8.71
C GLY B 196 14.43 -16.89 -8.07
N TRP B 197 14.00 -15.98 -7.18
CA TRP B 197 12.74 -16.09 -6.45
C TRP B 197 11.83 -14.91 -6.74
N TRP B 198 10.53 -15.14 -6.66
CA TRP B 198 9.56 -14.06 -6.41
C TRP B 198 8.45 -14.62 -5.53
N VAL B 199 8.18 -13.99 -4.39
CA VAL B 199 7.17 -14.50 -3.47
C VAL B 199 6.30 -13.34 -2.98
N GLY B 200 5.03 -13.64 -2.75
CA GLY B 200 4.14 -12.57 -2.26
C GLY B 200 2.69 -12.95 -2.46
N TRP B 201 1.87 -11.94 -2.75
CA TRP B 201 0.47 -12.23 -3.02
C TRP B 201 -0.16 -11.14 -3.88
N VAL B 202 -1.30 -11.49 -4.45
CA VAL B 202 -2.12 -10.61 -5.27
C VAL B 202 -3.43 -10.41 -4.54
N GLU B 203 -3.72 -9.16 -4.14
CA GLU B 203 -4.99 -8.83 -3.50
C GLU B 203 -6.01 -8.44 -4.56
N LEU B 204 -7.15 -9.13 -4.58
CA LEU B 204 -8.28 -8.76 -5.42
C LEU B 204 -9.39 -8.21 -4.53
N ASP B 205 -10.45 -7.71 -5.16
CA ASP B 205 -11.58 -7.20 -4.40
C ASP B 205 -12.12 -8.24 -3.43
N ASP B 206 -12.23 -9.50 -3.86
CA ASP B 206 -12.94 -10.49 -3.06
C ASP B 206 -12.15 -11.77 -2.87
N ASN B 207 -10.83 -11.72 -3.03
CA ASN B 207 -9.99 -12.90 -2.81
C ASN B 207 -8.54 -12.41 -2.70
N VAL B 208 -7.70 -13.31 -2.22
N VAL B 208 -7.68 -13.30 -2.22
CA VAL B 208 -6.26 -13.14 -2.22
CA VAL B 208 -6.24 -13.05 -2.26
C VAL B 208 -5.65 -14.39 -2.82
C VAL B 208 -5.55 -14.32 -2.70
N TRP B 209 -4.65 -14.20 -3.67
CA TRP B 209 -3.89 -15.31 -4.24
C TRP B 209 -2.44 -15.17 -3.77
N PHE B 210 -1.98 -16.12 -2.96
CA PHE B 210 -0.58 -16.14 -2.58
C PHE B 210 0.23 -16.83 -3.67
N PHE B 211 1.48 -16.41 -3.84
CA PHE B 211 2.33 -17.03 -4.84
C PHE B 211 3.76 -17.13 -4.35
N ALA B 212 4.45 -18.18 -4.83
CA ALA B 212 5.88 -18.32 -4.59
C ALA B 212 6.43 -19.01 -5.82
N MET B 213 7.43 -18.41 -6.44
CA MET B 213 8.04 -19.00 -7.61
C MET B 213 9.55 -19.01 -7.45
N ASN B 214 10.19 -20.04 -7.96
CA ASN B 214 11.63 -19.97 -8.16
C ASN B 214 12.00 -20.63 -9.48
N MET B 215 13.15 -20.23 -10.02
CA MET B 215 13.56 -20.70 -11.33
C MET B 215 15.08 -20.74 -11.41
N ASP B 216 15.59 -21.62 -12.28
CA ASP B 216 17.01 -21.67 -12.53
C ASP B 216 17.46 -20.38 -13.19
N MET B 217 18.53 -19.79 -12.65
CA MET B 217 18.97 -18.44 -13.05
C MET B 217 20.49 -18.46 -13.16
N PRO B 218 21.03 -19.00 -14.26
CA PRO B 218 22.49 -19.10 -14.38
C PRO B 218 23.19 -17.74 -14.43
N THR B 219 22.60 -16.76 -15.11
CA THR B 219 23.14 -15.40 -15.15
C THR B 219 22.07 -14.41 -14.75
N SER B 220 22.51 -13.19 -14.43
CA SER B 220 21.60 -12.13 -14.03
C SER B 220 20.84 -11.53 -15.20
N ASP B 221 21.13 -11.94 -16.44
CA ASP B 221 20.45 -11.38 -17.60
C ASP B 221 18.96 -11.68 -17.59
N GLY B 222 18.56 -12.80 -17.00
CA GLY B 222 17.16 -13.20 -17.06
C GLY B 222 16.35 -12.88 -15.81
N LEU B 223 16.79 -11.91 -15.00
CA LEU B 223 16.13 -11.66 -13.72
C LEU B 223 14.70 -11.16 -13.91
N GLY B 224 14.43 -10.43 -15.01
CA GLY B 224 13.07 -9.96 -15.27
C GLY B 224 12.09 -11.08 -15.56
N LEU B 225 12.59 -12.28 -15.85
CA LEU B 225 11.71 -13.42 -16.08
C LEU B 225 11.00 -13.89 -14.81
N ARG B 226 11.53 -13.54 -13.62
CA ARG B 226 10.85 -13.91 -12.40
C ARG B 226 9.44 -13.33 -12.37
N GLN B 227 9.32 -12.02 -12.60
CA GLN B 227 8.00 -11.40 -12.63
C GLN B 227 7.24 -11.74 -13.91
N ALA B 228 7.94 -11.81 -15.05
CA ALA B 228 7.23 -11.99 -16.32
C ALA B 228 6.58 -13.36 -16.40
N ILE B 229 7.29 -14.41 -15.99
CA ILE B 229 6.72 -15.75 -16.04
C ILE B 229 5.58 -15.88 -15.04
N THR B 230 5.78 -15.35 -13.82
CA THR B 230 4.70 -15.38 -12.82
C THR B 230 3.46 -14.69 -13.35
N LYS B 231 3.62 -13.52 -13.99
CA LYS B 231 2.45 -12.82 -14.49
C LYS B 231 1.77 -13.56 -15.64
N GLU B 232 2.53 -14.31 -16.44
CA GLU B 232 1.88 -15.13 -17.47
C GLU B 232 0.99 -16.20 -16.85
N VAL B 233 1.42 -16.79 -15.73
CA VAL B 233 0.59 -17.76 -15.04
C VAL B 233 -0.64 -17.08 -14.46
N LEU B 234 -0.45 -15.92 -13.81
CA LEU B 234 -1.58 -15.19 -13.26
C LEU B 234 -2.58 -14.82 -14.35
N LYS B 235 -2.07 -14.42 -15.52
CA LYS B 235 -2.94 -14.09 -16.64
C LYS B 235 -3.69 -15.32 -17.12
N GLN B 236 -3.01 -16.45 -17.24
CA GLN B 236 -3.67 -17.67 -17.72
C GLN B 236 -4.77 -18.11 -16.76
N GLU B 237 -4.55 -17.95 -15.46
CA GLU B 237 -5.57 -18.30 -14.49
C GLU B 237 -6.61 -17.21 -14.29
N LYS B 238 -6.55 -16.14 -15.10
CA LYS B 238 -7.50 -15.03 -15.07
C LYS B 238 -7.54 -14.36 -13.68
N ILE B 239 -6.40 -14.36 -13.00
CA ILE B 239 -6.27 -13.62 -11.75
C ILE B 239 -6.03 -12.14 -12.03
N ILE B 240 -5.22 -11.83 -13.03
CA ILE B 240 -5.01 -10.46 -13.49
C ILE B 240 -5.34 -10.40 -14.98
N PRO B 241 -5.74 -9.23 -15.52
CA PRO B 241 -6.10 -9.14 -16.94
C PRO B 241 -4.92 -9.38 -17.87
#